data_5QQK
#
_entry.id   5QQK
#
_cell.length_a   62.584
_cell.length_b   62.584
_cell.length_c   341.958
_cell.angle_alpha   90.000
_cell.angle_beta   90.000
_cell.angle_gamma   120.000
#
_symmetry.space_group_name_H-M   'P 65 2 2'
#
loop_
_entity.id
_entity.type
_entity.pdbx_description
1 polymer 'Ras-related C3 botulinum toxin substrate 1'
2 polymer Kalirin
3 non-polymer 1,2-ETHANEDIOL
4 non-polymer "N-{1-[2-(diethylamino)ethyl]-1H-indol-5-yl}-N'-(5-methyl-1,2-oxazol-3-yl)urea"
5 water water
#
loop_
_entity_poly.entity_id
_entity_poly.type
_entity_poly.pdbx_seq_one_letter_code
_entity_poly.pdbx_strand_id
1 'polypeptide(L)'
;SMQAIKCVVVGDGAVGKTCLLISYTTNAFPGEYIPTVFDNYSANVMVDGKPVNLGLWDTAGQEDYDRLRPLSYPQTDVFL
ICFSLVSPASFENVRAKWYPEVRHHCPNTPIILVGTKLDLRDDKDTIEKLKEKKLTPITYPQGLAMAKEIGAVKYLECSA
LTQRGLKTVFDEAIRAVL
;
A
2 'polypeptide(L)'
;SMRKKEFIMAELLQTEKAYVRDLHECLETYLWEMTSGVEEIPPGILNKEHIIFGNIQEIYDFHNNIFLKELEKYEQLPED
VGHCFVTWADKFQMYVTYCKNKPDSNQLILEHAGTFFDEIQQRHGLANSISSYLIKPVQRVTKYQLLLKELLTCCEEGKG
ELKDGLEVMLSVPKKANDAMHV
;
B
#
# COMPACT_ATOMS: atom_id res chain seq x y z
N MET A 2 2.37 -19.19 -16.15
CA MET A 2 1.87 -17.87 -16.64
C MET A 2 2.47 -16.70 -15.85
N GLN A 3 2.89 -15.66 -16.56
CA GLN A 3 3.78 -14.61 -16.03
C GLN A 3 3.11 -13.70 -14.96
N ALA A 4 3.76 -13.65 -13.79
CA ALA A 4 3.31 -12.87 -12.65
C ALA A 4 3.97 -11.50 -12.72
N ILE A 5 3.23 -10.44 -12.35
CA ILE A 5 3.80 -9.09 -12.39
C ILE A 5 3.51 -8.30 -11.12
N LYS A 6 4.55 -7.98 -10.36
CA LYS A 6 4.39 -7.13 -9.20
C LYS A 6 4.46 -5.66 -9.65
N CYS A 7 3.38 -4.91 -9.47
CA CYS A 7 3.36 -3.45 -9.75
C CYS A 7 3.11 -2.64 -8.48
N VAL A 8 4.07 -1.78 -8.15
CA VAL A 8 3.98 -0.91 -6.98
C VAL A 8 3.67 0.50 -7.48
N VAL A 9 2.72 1.12 -6.78
CA VAL A 9 2.24 2.48 -7.07
C VAL A 9 2.75 3.42 -5.98
N VAL A 10 3.57 4.41 -6.36
CA VAL A 10 4.13 5.34 -5.42
C VAL A 10 3.79 6.74 -5.85
N GLY A 11 4.04 7.71 -4.97
CA GLY A 11 3.64 9.12 -5.19
C GLY A 11 3.02 9.76 -3.94
N ASP A 12 2.83 11.08 -3.96
CA ASP A 12 2.27 11.82 -2.80
C ASP A 12 0.84 11.45 -2.45
N GLY A 13 0.39 11.79 -1.27
CA GLY A 13 -1.03 11.61 -0.91
C GLY A 13 -1.98 12.27 -1.91
N ALA A 14 -1.62 13.46 -2.39
CA ALA A 14 -2.41 14.20 -3.39
C ALA A 14 -2.65 13.53 -4.75
N VAL A 15 -1.90 12.49 -5.09
CA VAL A 15 -2.18 11.77 -6.33
C VAL A 15 -3.52 11.01 -6.29
N GLY A 16 -3.94 10.55 -5.11
CA GLY A 16 -5.12 9.65 -5.00
C GLY A 16 -4.83 8.20 -5.47
N LYS A 17 -3.72 7.68 -4.96
CA LYS A 17 -3.24 6.33 -5.32
C LYS A 17 -4.31 5.31 -5.10
N THR A 18 -4.95 5.42 -3.93
CA THR A 18 -5.94 4.47 -3.56
C THR A 18 -7.11 4.48 -4.48
N CYS A 19 -7.66 5.67 -4.67
CA CYS A 19 -8.75 5.89 -5.61
C CYS A 19 -8.44 5.42 -7.01
N LEU A 20 -7.23 5.68 -7.47
CA LEU A 20 -6.77 5.19 -8.75
C LEU A 20 -6.98 3.67 -8.89
N LEU A 21 -6.43 2.95 -7.93
CA LEU A 21 -6.35 1.50 -8.00
C LEU A 21 -7.71 0.89 -7.85
N ILE A 22 -8.51 1.47 -6.94
CA ILE A 22 -9.89 1.04 -6.75
C ILE A 22 -10.68 1.27 -8.01
N SER A 23 -10.50 2.43 -8.60
CA SER A 23 -11.26 2.74 -9.78
C SER A 23 -10.84 1.88 -10.95
N TYR A 24 -9.56 1.60 -11.07
CA TYR A 24 -9.13 0.66 -12.11
C TYR A 24 -9.70 -0.74 -11.86
N THR A 25 -9.60 -1.25 -10.64
CA THR A 25 -9.91 -2.68 -10.37
C THR A 25 -11.39 -2.99 -10.34
N THR A 26 -12.16 -2.05 -9.84
CA THR A 26 -13.62 -2.18 -9.80
C THR A 26 -14.30 -1.61 -11.05
N ASN A 27 -13.53 -1.12 -12.02
CA ASN A 27 -14.07 -0.45 -13.21
C ASN A 27 -14.95 0.78 -12.89
N ALA A 28 -14.80 1.40 -11.74
CA ALA A 28 -15.66 2.54 -11.45
C ALA A 28 -15.09 3.40 -10.37
N PHE A 29 -15.12 4.72 -10.58
CA PHE A 29 -14.79 5.70 -9.56
C PHE A 29 -15.66 5.42 -8.38
N PRO A 30 -15.10 5.37 -7.16
CA PRO A 30 -15.91 4.89 -6.04
C PRO A 30 -16.90 5.92 -5.49
N GLY A 31 -16.73 7.20 -5.81
CA GLY A 31 -17.83 8.17 -5.85
C GLY A 31 -18.32 8.62 -4.50
N GLU A 32 -19.35 7.95 -4.01
CA GLU A 32 -19.92 8.20 -2.68
C GLU A 32 -18.79 8.42 -1.65
N TYR A 33 -18.05 7.35 -1.34
CA TYR A 33 -17.01 7.35 -0.29
C TYR A 33 -15.70 6.86 -0.95
N ILE A 34 -14.59 7.57 -0.78
CA ILE A 34 -13.25 7.10 -1.23
C ILE A 34 -12.55 6.28 -0.13
N PRO A 35 -12.53 4.92 -0.30
CA PRO A 35 -11.94 4.09 0.75
C PRO A 35 -10.48 4.42 0.91
N THR A 36 -10.01 4.31 2.13
CA THR A 36 -8.61 4.52 2.36
C THR A 36 -7.82 3.19 2.13
N VAL A 37 -8.49 2.05 2.05
CA VAL A 37 -7.76 0.79 2.02
C VAL A 37 -7.97 0.10 0.68
N PHE A 38 -6.87 -0.06 -0.04
CA PHE A 38 -6.74 -0.95 -1.17
C PHE A 38 -5.76 -2.09 -0.79
N ASP A 39 -6.26 -3.30 -0.62
CA ASP A 39 -5.37 -4.41 -0.27
C ASP A 39 -4.73 -4.96 -1.55
N ASN A 40 -3.47 -5.39 -1.41
CA ASN A 40 -2.68 -6.03 -2.49
C ASN A 40 -3.60 -6.88 -3.31
N TYR A 41 -3.51 -6.74 -4.63
CA TYR A 41 -4.50 -7.28 -5.55
C TYR A 41 -3.82 -8.09 -6.65
N SER A 42 -4.50 -9.11 -7.15
CA SER A 42 -4.05 -9.69 -8.40
C SER A 42 -5.20 -10.14 -9.25
N ALA A 43 -4.98 -10.06 -10.55
CA ALA A 43 -5.97 -10.47 -11.49
C ALA A 43 -5.26 -10.79 -12.75
N ASN A 44 -5.90 -11.69 -13.52
CA ASN A 44 -5.53 -12.00 -14.89
C ASN A 44 -6.00 -10.86 -15.78
N VAL A 45 -5.13 -10.39 -16.67
CA VAL A 45 -5.54 -9.61 -17.86
C VAL A 45 -4.74 -10.08 -19.09
N MET A 46 -5.39 -10.05 -20.27
CA MET A 46 -4.71 -10.34 -21.54
C MET A 46 -4.22 -9.01 -22.09
N VAL A 47 -2.97 -9.02 -22.55
CA VAL A 47 -2.34 -7.86 -23.14
C VAL A 47 -1.58 -8.32 -24.38
N ASP A 48 -1.81 -7.59 -25.49
CA ASP A 48 -1.25 -7.92 -26.82
C ASP A 48 -1.42 -9.41 -27.10
N GLY A 49 -2.60 -9.96 -26.76
CA GLY A 49 -2.86 -11.39 -26.86
C GLY A 49 -2.44 -12.20 -25.64
N LYS A 50 -1.16 -12.05 -25.24
CA LYS A 50 -0.60 -12.82 -24.11
C LYS A 50 -1.36 -12.56 -22.80
N PRO A 51 -1.93 -13.61 -22.15
CA PRO A 51 -2.53 -13.40 -20.82
C PRO A 51 -1.47 -13.29 -19.72
N VAL A 52 -1.79 -12.49 -18.68
CA VAL A 52 -0.81 -12.09 -17.63
C VAL A 52 -1.47 -11.97 -16.25
N ASN A 53 -0.70 -12.20 -15.19
CA ASN A 53 -1.22 -12.03 -13.84
C ASN A 53 -0.62 -10.81 -13.19
N LEU A 54 -1.47 -9.81 -13.04
CA LEU A 54 -1.03 -8.49 -12.65
C LEU A 54 -1.24 -8.30 -11.16
N GLY A 55 -0.14 -8.09 -10.43
CA GLY A 55 -0.16 -7.75 -9.01
C GLY A 55 -0.04 -6.25 -8.75
N LEU A 56 -1.00 -5.68 -8.02
CA LEU A 56 -0.99 -4.24 -7.66
C LEU A 56 -0.84 -4.05 -6.14
N TRP A 57 0.17 -3.27 -5.74
CA TRP A 57 0.35 -2.89 -4.38
C TRP A 57 0.22 -1.37 -4.23
N ASP A 58 -0.73 -0.97 -3.37
CA ASP A 58 -0.86 0.41 -2.86
C ASP A 58 0.25 0.72 -1.84
N THR A 59 0.62 2.00 -1.70
CA THR A 59 1.55 2.47 -0.70
C THR A 59 1.02 3.60 0.16
N ALA A 60 -0.25 3.96 0.03
CA ALA A 60 -0.82 5.07 0.78
C ALA A 60 -0.73 4.82 2.30
N GLY A 61 -0.40 5.87 3.04
CA GLY A 61 -0.12 5.74 4.47
C GLY A 61 1.34 5.79 4.76
N GLN A 62 2.16 5.33 3.81
CA GLN A 62 3.59 5.25 4.05
C GLN A 62 4.36 6.51 3.63
N GLU A 63 3.61 7.54 3.18
CA GLU A 63 4.22 8.77 2.69
C GLU A 63 5.20 9.42 3.64
N ASP A 64 5.04 9.25 4.96
CA ASP A 64 5.97 9.88 5.88
C ASP A 64 7.03 8.92 6.46
N TYR A 65 7.06 7.67 6.01
CA TYR A 65 7.97 6.68 6.60
C TYR A 65 8.98 6.24 5.54
N ASP A 66 10.00 7.08 5.41
CA ASP A 66 11.01 6.89 4.38
C ASP A 66 11.76 5.56 4.42
N ARG A 67 11.94 4.98 5.60
CA ARG A 67 12.54 3.63 5.74
C ARG A 67 11.57 2.47 5.69
N LEU A 68 10.27 2.74 5.85
CA LEU A 68 9.27 1.68 5.72
C LEU A 68 8.87 1.47 4.29
N ARG A 69 8.87 2.53 3.50
CA ARG A 69 8.42 2.42 2.10
C ARG A 69 9.21 1.41 1.24
N PRO A 70 10.55 1.41 1.37
CA PRO A 70 11.37 0.49 0.61
C PRO A 70 11.15 -0.98 0.90
N LEU A 71 10.46 -1.32 1.99
CA LEU A 71 10.09 -2.70 2.25
C LEU A 71 9.23 -3.27 1.16
N SER A 72 8.39 -2.44 0.56
CA SER A 72 7.62 -2.89 -0.65
C SER A 72 8.43 -2.92 -1.97
N TYR A 73 9.61 -2.32 -2.03
CA TYR A 73 10.26 -2.18 -3.33
C TYR A 73 10.87 -3.44 -3.93
N PRO A 74 11.53 -4.27 -3.12
CA PRO A 74 12.28 -5.35 -3.76
C PRO A 74 11.42 -6.33 -4.55
N GLN A 75 11.99 -6.81 -5.65
CA GLN A 75 11.32 -7.75 -6.57
C GLN A 75 10.11 -7.16 -7.33
N THR A 76 10.04 -5.85 -7.43
CA THR A 76 9.02 -5.20 -8.21
C THR A 76 9.41 -5.29 -9.67
N ASP A 77 8.43 -5.63 -10.48
CA ASP A 77 8.57 -5.66 -11.91
C ASP A 77 8.41 -4.30 -12.63
N VAL A 78 7.61 -3.40 -12.04
CA VAL A 78 7.36 -2.06 -12.62
C VAL A 78 6.74 -1.09 -11.59
N PHE A 79 7.20 0.13 -11.61
CA PHE A 79 6.69 1.15 -10.75
C PHE A 79 5.82 2.10 -11.55
N LEU A 80 4.68 2.45 -10.96
CA LEU A 80 3.95 3.63 -11.34
C LEU A 80 4.32 4.72 -10.36
N ILE A 81 5.06 5.72 -10.83
CA ILE A 81 5.32 6.93 -10.04
C ILE A 81 4.34 8.02 -10.48
N CYS A 82 3.49 8.43 -9.55
CA CYS A 82 2.35 9.27 -9.81
C CYS A 82 2.53 10.67 -9.23
N PHE A 83 1.90 11.63 -9.90
CA PHE A 83 1.75 12.98 -9.34
C PHE A 83 0.37 13.40 -9.79
N SER A 84 -0.24 14.30 -9.07
CA SER A 84 -1.53 14.87 -9.47
C SER A 84 -1.17 16.01 -10.44
N LEU A 85 -1.85 16.02 -11.59
CA LEU A 85 -1.72 17.10 -12.58
C LEU A 85 -2.14 18.46 -12.08
N VAL A 86 -2.90 18.51 -10.98
CA VAL A 86 -3.28 19.79 -10.38
C VAL A 86 -2.53 20.02 -9.05
N SER A 87 -1.35 19.41 -8.89
CA SER A 87 -0.46 19.72 -7.76
C SER A 87 0.96 19.76 -8.24
N PRO A 88 1.42 20.97 -8.57
CA PRO A 88 2.81 21.25 -8.80
C PRO A 88 3.76 20.64 -7.78
N ALA A 89 3.41 20.66 -6.50
CA ALA A 89 4.27 20.09 -5.48
C ALA A 89 4.45 18.58 -5.65
N SER A 90 3.36 17.86 -5.93
CA SER A 90 3.44 16.40 -6.19
C SER A 90 4.28 16.05 -7.42
N PHE A 91 4.18 16.92 -8.43
CA PHE A 91 5.05 16.82 -9.60
C PHE A 91 6.53 16.96 -9.20
N GLU A 92 6.86 18.06 -8.54
CA GLU A 92 8.22 18.29 -8.11
C GLU A 92 8.79 17.17 -7.22
N ASN A 93 7.91 16.53 -6.47
CA ASN A 93 8.30 15.40 -5.62
C ASN A 93 8.66 14.20 -6.38
N VAL A 94 8.22 14.10 -7.64
CA VAL A 94 8.66 12.99 -8.47
C VAL A 94 10.18 13.00 -8.51
N ARG A 95 10.70 14.19 -8.79
CA ARG A 95 12.09 14.46 -8.87
C ARG A 95 12.72 14.43 -7.51
N ALA A 96 12.09 15.06 -6.53
CA ALA A 96 12.72 15.29 -5.25
C ALA A 96 12.76 14.06 -4.35
N LYS A 97 11.74 13.20 -4.42
CA LYS A 97 11.56 12.15 -3.44
C LYS A 97 11.42 10.77 -4.08
N TRP A 98 10.50 10.60 -5.04
CA TRP A 98 10.09 9.28 -5.50
C TRP A 98 11.07 8.63 -6.44
N TYR A 99 11.55 9.41 -7.40
CA TYR A 99 12.48 8.83 -8.36
C TYR A 99 13.79 8.38 -7.66
N PRO A 100 14.38 9.25 -6.80
CA PRO A 100 15.59 8.87 -6.08
C PRO A 100 15.53 7.55 -5.31
N GLU A 101 14.53 7.38 -4.45
CA GLU A 101 14.45 6.17 -3.66
C GLU A 101 14.09 4.97 -4.48
N VAL A 102 13.32 5.16 -5.54
CA VAL A 102 12.98 4.02 -6.36
C VAL A 102 14.22 3.59 -7.13
N ARG A 103 15.00 4.56 -7.61
CA ARG A 103 16.23 4.18 -8.29
C ARG A 103 17.25 3.58 -7.37
N HIS A 104 17.31 4.10 -6.14
CA HIS A 104 18.30 3.64 -5.21
C HIS A 104 18.07 2.16 -4.85
N HIS A 105 16.83 1.72 -4.83
CA HIS A 105 16.49 0.34 -4.45
C HIS A 105 16.26 -0.57 -5.62
N CYS A 106 15.81 -0.03 -6.73
CA CYS A 106 15.47 -0.88 -7.83
C CYS A 106 16.03 -0.20 -9.03
N PRO A 107 17.35 -0.24 -9.17
CA PRO A 107 17.97 0.54 -10.23
C PRO A 107 17.60 0.14 -11.67
N ASN A 108 17.20 -1.10 -11.91
CA ASN A 108 16.89 -1.52 -13.29
C ASN A 108 15.42 -1.94 -13.46
N THR A 109 14.53 -1.21 -12.82
CA THR A 109 13.13 -1.55 -12.86
C THR A 109 12.43 -0.45 -13.62
N PRO A 110 11.59 -0.82 -14.58
CA PRO A 110 10.90 0.22 -15.37
C PRO A 110 9.93 1.07 -14.56
N ILE A 111 9.77 2.33 -14.99
CA ILE A 111 8.93 3.30 -14.36
C ILE A 111 7.97 3.84 -15.40
N ILE A 112 6.70 3.84 -15.06
CA ILE A 112 5.71 4.67 -15.77
C ILE A 112 5.45 5.90 -14.95
N LEU A 113 5.50 7.05 -15.60
CA LEU A 113 5.19 8.28 -14.93
C LEU A 113 3.74 8.55 -15.23
N VAL A 114 2.90 8.68 -14.22
CA VAL A 114 1.46 8.81 -14.38
C VAL A 114 1.08 10.17 -13.80
N GLY A 115 0.42 11.01 -14.62
CA GLY A 115 -0.24 12.25 -14.14
C GLY A 115 -1.71 11.91 -13.82
N THR A 116 -2.15 12.03 -12.55
CA THR A 116 -3.56 11.76 -12.16
C THR A 116 -4.36 13.08 -12.08
N LYS A 117 -5.67 12.97 -11.88
CA LYS A 117 -6.60 14.10 -11.79
C LYS A 117 -6.59 14.99 -13.03
N LEU A 118 -6.54 14.30 -14.17
CA LEU A 118 -6.66 14.89 -15.50
C LEU A 118 -7.95 15.68 -15.65
N ASP A 119 -9.06 15.14 -15.16
CA ASP A 119 -10.34 15.84 -15.13
C ASP A 119 -10.34 17.18 -14.38
N LEU A 120 -9.46 17.37 -13.40
CA LEU A 120 -9.33 18.66 -12.72
C LEU A 120 -8.42 19.69 -13.46
N ARG A 121 -7.69 19.30 -14.51
CA ARG A 121 -6.79 20.28 -15.15
C ARG A 121 -7.52 21.44 -15.84
N ASP A 122 -8.77 21.20 -16.26
CA ASP A 122 -9.65 22.18 -16.93
C ASP A 122 -10.79 22.64 -16.03
N ASP A 123 -10.60 22.57 -14.73
CA ASP A 123 -11.66 22.88 -13.79
C ASP A 123 -11.43 24.30 -13.35
N LYS A 124 -12.41 25.19 -13.54
CA LYS A 124 -12.24 26.61 -13.15
C LYS A 124 -11.85 26.79 -11.65
N ASP A 125 -12.56 26.14 -10.74
CA ASP A 125 -12.29 26.29 -9.29
C ASP A 125 -10.88 25.82 -8.90
N THR A 126 -10.49 24.65 -9.42
CA THR A 126 -9.11 24.15 -9.26
C THR A 126 -8.06 25.13 -9.83
N ILE A 127 -8.29 25.52 -11.08
CA ILE A 127 -7.45 26.50 -11.79
C ILE A 127 -7.30 27.79 -10.98
N GLU A 128 -8.44 28.33 -10.52
CA GLU A 128 -8.43 29.53 -9.68
C GLU A 128 -7.77 29.27 -8.31
N LYS A 129 -8.02 28.14 -7.67
CA LYS A 129 -7.35 27.88 -6.39
C LYS A 129 -5.81 27.93 -6.60
N LEU A 130 -5.32 27.37 -7.70
CA LEU A 130 -3.88 27.44 -8.04
C LEU A 130 -3.33 28.85 -8.44
N LYS A 131 -4.09 29.62 -9.21
CA LYS A 131 -3.68 30.98 -9.61
C LYS A 131 -3.54 31.86 -8.36
N GLU A 132 -4.41 31.67 -7.37
CA GLU A 132 -4.29 32.31 -6.04
C GLU A 132 -3.00 31.99 -5.30
N LYS A 133 -2.39 30.83 -5.59
CA LYS A 133 -1.07 30.47 -5.03
C LYS A 133 0.10 30.79 -6.01
N LYS A 134 -0.16 31.56 -7.07
CA LYS A 134 0.82 31.84 -8.13
C LYS A 134 1.38 30.54 -8.76
N LEU A 135 0.46 29.65 -9.15
CA LEU A 135 0.76 28.36 -9.81
C LEU A 135 -0.20 28.07 -10.95
N THR A 136 0.11 27.05 -11.76
CA THR A 136 -0.82 26.53 -12.79
C THR A 136 -0.78 24.98 -12.82
N PRO A 137 -1.75 24.36 -13.50
CA PRO A 137 -1.67 22.91 -13.54
C PRO A 137 -0.48 22.44 -14.37
N ILE A 138 -0.20 21.15 -14.30
CA ILE A 138 0.94 20.57 -14.96
C ILE A 138 0.41 20.16 -16.26
N THR A 139 1.10 20.60 -17.33
CA THR A 139 0.70 20.32 -18.72
C THR A 139 1.57 19.23 -19.30
N TYR A 140 1.16 18.79 -20.48
CA TYR A 140 1.71 17.64 -21.10
C TYR A 140 3.23 17.67 -21.27
N PRO A 141 3.80 18.73 -21.89
CA PRO A 141 5.24 18.75 -22.08
C PRO A 141 6.04 18.74 -20.81
N GLN A 142 5.45 19.22 -19.73
CA GLN A 142 6.10 19.12 -18.42
C GLN A 142 6.21 17.60 -18.00
N GLY A 143 5.17 16.82 -18.22
CA GLY A 143 5.17 15.44 -17.88
C GLY A 143 6.22 14.70 -18.70
N LEU A 144 6.14 14.87 -20.00
CA LEU A 144 7.16 14.37 -20.92
C LEU A 144 8.58 14.72 -20.51
N ALA A 145 8.84 16.00 -20.26
CA ALA A 145 10.18 16.40 -19.88
C ALA A 145 10.61 15.68 -18.59
N MET A 146 9.71 15.59 -17.60
CA MET A 146 10.03 14.87 -16.34
C MET A 146 10.32 13.40 -16.53
N ALA A 147 9.46 12.74 -17.31
CA ALA A 147 9.65 11.35 -17.71
C ALA A 147 11.03 11.12 -18.34
N LYS A 148 11.41 11.96 -19.29
CA LYS A 148 12.76 11.90 -19.88
C LYS A 148 13.81 11.97 -18.80
N GLU A 149 13.68 12.95 -17.92
CA GLU A 149 14.66 13.14 -16.86
C GLU A 149 14.81 11.94 -15.92
N ILE A 150 13.72 11.20 -15.67
CA ILE A 150 13.80 10.04 -14.77
C ILE A 150 14.02 8.72 -15.50
N GLY A 151 14.11 8.72 -16.82
CA GLY A 151 14.19 7.47 -17.55
C GLY A 151 12.89 6.67 -17.50
N ALA A 152 11.76 7.36 -17.55
CA ALA A 152 10.51 6.65 -17.50
C ALA A 152 10.28 6.13 -18.87
N VAL A 153 9.70 4.96 -18.96
CA VAL A 153 9.47 4.43 -20.28
C VAL A 153 8.29 5.11 -20.96
N LYS A 154 7.27 5.52 -20.21
CA LYS A 154 6.14 6.26 -20.80
C LYS A 154 5.69 7.30 -19.84
N TYR A 155 5.16 8.38 -20.36
CA TYR A 155 4.46 9.34 -19.53
C TYR A 155 3.03 9.17 -19.98
N LEU A 156 2.13 9.01 -19.01
CA LEU A 156 0.71 8.80 -19.25
C LEU A 156 -0.10 9.69 -18.29
N GLU A 157 -1.26 10.12 -18.73
CA GLU A 157 -2.14 10.97 -17.99
C GLU A 157 -3.47 10.20 -17.88
N CYS A 158 -4.15 10.35 -16.76
CA CYS A 158 -5.40 9.64 -16.53
C CYS A 158 -6.28 10.28 -15.47
N SER A 159 -7.56 9.86 -15.50
CA SER A 159 -8.55 10.19 -14.50
C SER A 159 -9.21 8.92 -13.91
N ALA A 160 -9.12 8.77 -12.59
CA ALA A 160 -9.91 7.78 -11.86
C ALA A 160 -11.41 8.12 -12.01
N LEU A 161 -11.73 9.41 -12.03
CA LEU A 161 -13.12 9.91 -12.24
C LEU A 161 -13.80 9.48 -13.56
N THR A 162 -13.24 9.91 -14.68
CA THR A 162 -13.82 9.63 -15.99
C THR A 162 -13.37 8.28 -16.62
N GLN A 163 -12.35 7.65 -16.03
CA GLN A 163 -11.70 6.41 -16.57
C GLN A 163 -10.81 6.72 -17.78
N ARG A 164 -10.57 8.00 -18.04
CA ARG A 164 -9.84 8.41 -19.20
C ARG A 164 -8.40 8.09 -18.96
N GLY A 165 -7.82 7.32 -19.88
CA GLY A 165 -6.42 6.92 -19.81
C GLY A 165 -6.08 5.85 -18.78
N LEU A 166 -7.08 5.33 -18.05
CA LEU A 166 -6.79 4.60 -16.82
C LEU A 166 -6.41 3.16 -17.15
N LYS A 167 -7.22 2.48 -17.96
CA LYS A 167 -6.91 1.14 -18.43
C LYS A 167 -5.54 1.12 -19.11
N THR A 168 -5.26 2.17 -19.89
CA THR A 168 -4.00 2.30 -20.65
C THR A 168 -2.79 2.37 -19.76
N VAL A 169 -2.85 3.14 -18.67
CA VAL A 169 -1.79 3.14 -17.65
C VAL A 169 -1.34 1.72 -17.32
N PHE A 170 -2.30 0.85 -17.07
CA PHE A 170 -1.99 -0.47 -16.59
C PHE A 170 -1.61 -1.41 -17.72
N ASP A 171 -2.22 -1.26 -18.90
CA ASP A 171 -1.75 -1.97 -20.09
C ASP A 171 -0.26 -1.75 -20.27
N GLU A 172 0.12 -0.48 -20.24
CA GLU A 172 1.47 -0.08 -20.47
C GLU A 172 2.39 -0.52 -19.35
N ALA A 173 1.91 -0.57 -18.12
CA ALA A 173 2.74 -1.10 -17.03
C ALA A 173 3.15 -2.55 -17.40
N ILE A 174 2.18 -3.31 -17.92
CA ILE A 174 2.43 -4.69 -18.31
C ILE A 174 3.40 -4.79 -19.51
N ARG A 175 3.10 -4.02 -20.57
CA ARG A 175 3.97 -3.94 -21.74
C ARG A 175 5.39 -3.57 -21.40
N ALA A 176 5.59 -2.71 -20.42
CA ALA A 176 6.95 -2.38 -19.99
C ALA A 176 7.73 -3.55 -19.35
N VAL A 177 7.07 -4.64 -18.97
CA VAL A 177 7.73 -5.84 -18.39
C VAL A 177 7.93 -7.00 -19.40
N LEU A 178 7.06 -7.11 -20.40
CA LEU A 178 7.09 -8.25 -21.33
C LEU A 178 8.29 -8.29 -22.30
N ARG B 3 -22.91 10.09 8.22
CA ARG B 3 -22.77 9.15 7.06
C ARG B 3 -21.29 8.86 6.79
N LYS B 4 -20.47 9.90 6.59
CA LYS B 4 -19.04 9.70 6.38
C LYS B 4 -18.35 9.00 7.56
N LYS B 5 -18.70 9.36 8.78
CA LYS B 5 -18.17 8.70 9.97
C LYS B 5 -18.56 7.20 10.02
N GLU B 6 -19.73 6.88 9.49
CA GLU B 6 -20.24 5.52 9.50
C GLU B 6 -19.48 4.70 8.44
N PHE B 7 -19.22 5.30 7.27
CA PHE B 7 -18.54 4.61 6.15
C PHE B 7 -17.13 4.30 6.61
N ILE B 8 -16.49 5.26 7.31
CA ILE B 8 -15.10 5.08 7.75
C ILE B 8 -14.99 3.97 8.78
N MET B 9 -15.82 4.04 9.80
CA MET B 9 -15.88 2.98 10.77
C MET B 9 -16.13 1.65 10.12
N ALA B 10 -17.11 1.56 9.23
CA ALA B 10 -17.35 0.32 8.49
C ALA B 10 -16.12 -0.22 7.75
N GLU B 11 -15.34 0.68 7.16
CA GLU B 11 -14.09 0.31 6.49
C GLU B 11 -13.08 -0.15 7.54
N LEU B 12 -12.97 0.56 8.63
CA LEU B 12 -12.01 0.19 9.64
C LEU B 12 -12.27 -1.25 10.07
N LEU B 13 -13.50 -1.52 10.43
CA LEU B 13 -13.96 -2.87 10.76
C LEU B 13 -13.82 -3.94 9.67
N GLN B 14 -14.22 -3.66 8.45
CA GLN B 14 -14.11 -4.64 7.37
C GLN B 14 -12.65 -4.89 7.04
N THR B 15 -11.84 -3.86 7.06
CA THR B 15 -10.43 -4.07 6.75
C THR B 15 -9.66 -4.78 7.89
N GLU B 16 -10.13 -4.56 9.11
CA GLU B 16 -9.61 -5.25 10.24
C GLU B 16 -9.93 -6.72 10.10
N LYS B 17 -11.15 -7.06 9.70
CA LYS B 17 -11.50 -8.46 9.57
C LYS B 17 -10.64 -9.15 8.53
N ALA B 18 -10.39 -8.44 7.45
CA ALA B 18 -9.68 -9.03 6.35
C ALA B 18 -8.22 -9.20 6.74
N TYR B 19 -7.72 -8.27 7.55
CA TYR B 19 -6.34 -8.32 7.99
C TYR B 19 -6.12 -9.56 8.86
N VAL B 20 -7.05 -9.79 9.77
CA VAL B 20 -7.01 -10.98 10.61
C VAL B 20 -7.07 -12.26 9.76
N ARG B 21 -7.93 -12.26 8.74
CA ARG B 21 -8.05 -13.37 7.80
C ARG B 21 -6.74 -13.58 7.07
N ASP B 22 -6.15 -12.50 6.57
CA ASP B 22 -4.90 -12.56 5.85
C ASP B 22 -3.74 -13.06 6.72
N LEU B 23 -3.63 -12.62 7.97
CA LEU B 23 -2.56 -13.14 8.82
C LEU B 23 -2.81 -14.62 9.13
N HIS B 24 -4.04 -14.95 9.46
CA HIS B 24 -4.40 -16.34 9.66
C HIS B 24 -4.02 -17.21 8.46
N GLU B 25 -4.20 -16.69 7.27
CA GLU B 25 -3.99 -17.47 6.07
C GLU B 25 -2.52 -17.74 5.95
N CYS B 26 -1.77 -16.66 6.02
CA CYS B 26 -0.32 -16.73 6.07
C CYS B 26 0.21 -17.76 7.04
N LEU B 27 -0.32 -17.74 8.26
CA LEU B 27 0.18 -18.59 9.35
C LEU B 27 -0.13 -20.06 9.10
N GLU B 28 -1.27 -20.33 8.49
CA GLU B 28 -1.69 -21.70 8.37
C GLU B 28 -1.44 -22.22 6.97
N THR B 29 -0.64 -21.50 6.17
CA THR B 29 -0.20 -22.00 4.90
C THR B 29 1.28 -21.89 4.86
N TYR B 30 1.81 -20.69 4.62
CA TYR B 30 3.24 -20.58 4.50
C TYR B 30 3.93 -20.99 5.77
N LEU B 31 3.45 -20.56 6.94
CA LEU B 31 4.11 -20.94 8.19
C LEU B 31 3.88 -22.42 8.50
N TRP B 32 2.66 -22.89 8.35
CA TRP B 32 2.39 -24.24 8.70
C TRP B 32 3.22 -25.29 7.90
N GLU B 33 3.47 -25.06 6.63
CA GLU B 33 4.25 -25.99 5.80
C GLU B 33 5.65 -26.23 6.30
N MET B 34 6.26 -25.16 6.81
CA MET B 34 7.58 -25.19 7.41
C MET B 34 7.68 -25.90 8.79
N THR B 35 6.65 -25.72 9.59
CA THR B 35 6.67 -26.22 10.95
C THR B 35 6.05 -27.62 11.01
N SER B 36 5.10 -27.88 10.13
CA SER B 36 4.51 -29.17 9.95
C SER B 36 5.63 -30.18 9.94
N GLY B 37 6.49 -30.04 8.93
CA GLY B 37 7.33 -31.12 8.45
C GLY B 37 6.43 -32.08 7.69
N VAL B 38 5.78 -31.59 6.64
CA VAL B 38 5.17 -32.46 5.62
C VAL B 38 5.99 -32.41 4.30
N GLU B 39 6.75 -31.34 4.10
CA GLU B 39 7.32 -31.01 2.80
C GLU B 39 8.83 -30.83 2.94
N GLU B 40 9.54 -30.77 1.80
CA GLU B 40 11.02 -30.66 1.75
C GLU B 40 11.56 -29.23 1.92
N ILE B 41 12.19 -28.96 3.06
CA ILE B 41 12.52 -27.60 3.49
C ILE B 41 13.95 -27.19 3.13
N PRO B 42 14.12 -26.31 2.14
CA PRO B 42 15.47 -25.81 1.86
C PRO B 42 16.37 -25.53 3.07
N PRO B 43 17.57 -26.12 3.11
CA PRO B 43 18.45 -25.98 4.27
C PRO B 43 18.86 -24.57 4.60
N GLY B 44 18.89 -23.70 3.59
CA GLY B 44 19.18 -22.30 3.78
C GLY B 44 18.21 -21.56 4.69
N ILE B 45 16.97 -22.08 4.82
CA ILE B 45 15.93 -21.53 5.73
C ILE B 45 15.46 -22.37 6.92
N LEU B 46 15.82 -23.66 6.93
CA LEU B 46 15.46 -24.62 7.99
C LEU B 46 15.57 -23.98 9.37
N ASN B 47 14.54 -24.19 10.21
CA ASN B 47 14.47 -23.61 11.56
C ASN B 47 14.81 -22.11 11.56
N LYS B 48 14.48 -21.38 10.48
CA LYS B 48 14.67 -19.91 10.46
C LYS B 48 13.31 -19.22 10.20
N GLU B 49 12.24 -19.89 10.62
CA GLU B 49 10.88 -19.36 10.53
C GLU B 49 10.74 -18.16 11.41
N HIS B 50 11.51 -18.11 12.49
CA HIS B 50 11.61 -16.87 13.24
C HIS B 50 12.02 -15.68 12.39
N ILE B 51 12.96 -15.89 11.48
CA ILE B 51 13.50 -14.78 10.68
C ILE B 51 12.56 -14.44 9.54
N ILE B 52 11.89 -15.44 8.99
CA ILE B 52 10.98 -15.21 7.90
C ILE B 52 9.74 -14.43 8.36
N PHE B 53 9.05 -15.00 9.33
CA PHE B 53 7.79 -14.49 9.78
C PHE B 53 7.88 -13.55 10.95
N GLY B 54 9.09 -13.21 11.42
CA GLY B 54 9.25 -12.33 12.56
C GLY B 54 8.28 -12.66 13.71
N ASN B 55 7.57 -11.66 14.24
CA ASN B 55 6.64 -11.91 15.33
C ASN B 55 5.19 -11.86 14.86
N ILE B 56 4.94 -12.36 13.66
CA ILE B 56 3.61 -12.21 13.04
C ILE B 56 2.52 -12.98 13.77
N GLN B 57 2.91 -14.13 14.34
CA GLN B 57 2.08 -14.86 15.27
C GLN B 57 1.53 -13.94 16.33
N GLU B 58 2.40 -13.21 17.02
CA GLU B 58 2.02 -12.41 18.15
C GLU B 58 1.12 -11.25 17.72
N ILE B 59 1.42 -10.67 16.56
CA ILE B 59 0.59 -9.63 15.95
C ILE B 59 -0.79 -10.18 15.61
N TYR B 60 -0.84 -11.35 14.98
CA TYR B 60 -2.12 -11.99 14.73
C TYR B 60 -2.90 -12.25 16.02
N ASP B 61 -2.21 -12.72 17.04
CA ASP B 61 -2.90 -13.02 18.27
C ASP B 61 -3.51 -11.77 18.89
N PHE B 62 -2.81 -10.66 18.78
CA PHE B 62 -3.32 -9.40 19.29
C PHE B 62 -4.62 -9.01 18.59
N HIS B 63 -4.58 -9.01 17.28
CA HIS B 63 -5.74 -8.63 16.51
C HIS B 63 -6.86 -9.60 16.64
N ASN B 64 -6.53 -10.87 16.71
CA ASN B 64 -7.56 -11.93 16.70
C ASN B 64 -8.14 -12.14 18.09
N ASN B 65 -7.32 -12.04 19.14
CA ASN B 65 -7.84 -12.28 20.51
C ASN B 65 -8.49 -11.05 21.11
N ILE B 66 -7.93 -9.88 20.82
CA ILE B 66 -8.32 -8.63 21.47
C ILE B 66 -8.87 -7.55 20.49
N PHE B 67 -8.04 -7.11 19.56
CA PHE B 67 -8.25 -5.80 18.96
C PHE B 67 -9.48 -5.71 18.10
N LEU B 68 -9.71 -6.75 17.30
CA LEU B 68 -10.91 -6.85 16.49
C LEU B 68 -12.14 -6.88 17.34
N LYS B 69 -12.13 -7.64 18.43
CA LYS B 69 -13.28 -7.66 19.38
C LYS B 69 -13.51 -6.25 19.95
N GLU B 70 -12.45 -5.51 20.25
CA GLU B 70 -12.62 -4.18 20.83
C GLU B 70 -13.08 -3.14 19.79
N LEU B 71 -12.55 -3.21 18.57
CA LEU B 71 -13.00 -2.33 17.53
C LEU B 71 -14.49 -2.50 17.29
N GLU B 72 -14.94 -3.74 17.27
CA GLU B 72 -16.34 -4.04 17.03
C GLU B 72 -17.20 -3.36 18.04
N LYS B 73 -16.72 -3.26 19.28
CA LYS B 73 -17.47 -2.59 20.32
C LYS B 73 -17.66 -1.10 20.05
N TYR B 74 -16.69 -0.48 19.37
CA TYR B 74 -16.79 0.91 18.98
C TYR B 74 -17.53 1.16 17.63
N GLU B 75 -18.25 0.17 17.09
CA GLU B 75 -18.87 0.28 15.78
C GLU B 75 -19.84 1.44 15.73
N GLN B 76 -20.74 1.55 16.71
CA GLN B 76 -21.66 2.65 16.82
C GLN B 76 -21.08 3.87 17.59
N LEU B 77 -19.77 3.92 17.77
CA LEU B 77 -19.12 4.98 18.52
C LEU B 77 -17.96 5.53 17.77
N PRO B 78 -18.11 5.78 16.47
CA PRO B 78 -16.94 6.21 15.71
C PRO B 78 -16.16 7.40 16.30
N GLU B 79 -16.83 8.31 16.99
CA GLU B 79 -16.16 9.52 17.52
C GLU B 79 -15.26 9.25 18.73
N ASP B 80 -15.46 8.08 19.33
CA ASP B 80 -14.68 7.59 20.45
C ASP B 80 -13.63 6.54 20.13
N VAL B 81 -13.54 6.06 18.88
CA VAL B 81 -12.67 4.90 18.61
C VAL B 81 -11.22 5.18 18.78
N GLY B 82 -10.83 6.44 18.79
CA GLY B 82 -9.44 6.79 19.10
C GLY B 82 -8.96 6.23 20.44
N HIS B 83 -9.89 6.03 21.38
CA HIS B 83 -9.57 5.53 22.70
C HIS B 83 -9.08 4.07 22.63
N CYS B 84 -9.63 3.32 21.68
CA CYS B 84 -9.21 1.95 21.42
C CYS B 84 -7.75 1.85 21.13
N PHE B 85 -7.23 2.84 20.41
CA PHE B 85 -5.83 2.84 20.12
C PHE B 85 -5.01 3.28 21.33
N VAL B 86 -5.54 4.21 22.09
CA VAL B 86 -4.85 4.60 23.33
C VAL B 86 -4.78 3.43 24.27
N THR B 87 -5.90 2.76 24.48
CA THR B 87 -5.97 1.62 25.37
C THR B 87 -4.90 0.60 25.02
N TRP B 88 -4.86 0.23 23.75
CA TRP B 88 -4.05 -0.91 23.33
C TRP B 88 -2.72 -0.49 22.71
N ALA B 89 -2.23 0.69 23.09
CA ALA B 89 -1.08 1.23 22.42
C ALA B 89 0.17 0.37 22.57
N ASP B 90 0.41 -0.17 23.75
CA ASP B 90 1.67 -0.88 24.01
C ASP B 90 1.81 -2.12 23.13
N LYS B 91 0.68 -2.71 22.75
CA LYS B 91 0.65 -3.91 21.94
C LYS B 91 1.16 -3.61 20.55
N PHE B 92 0.93 -2.39 20.08
CA PHE B 92 1.40 -1.97 18.77
C PHE B 92 2.88 -1.85 18.67
N GLN B 93 3.56 -1.78 19.81
CA GLN B 93 5.03 -1.79 19.81
C GLN B 93 5.59 -3.01 19.10
N MET B 94 4.84 -4.12 19.06
CA MET B 94 5.31 -5.27 18.30
C MET B 94 5.40 -5.06 16.78
N TYR B 95 4.81 -3.99 16.25
CA TYR B 95 5.06 -3.64 14.86
C TYR B 95 6.47 -3.10 14.66
N VAL B 96 7.06 -2.50 15.68
CA VAL B 96 8.48 -2.10 15.63
C VAL B 96 9.40 -3.30 15.39
N THR B 97 9.25 -4.31 16.21
CA THR B 97 9.99 -5.55 16.03
C THR B 97 9.84 -6.14 14.65
N TYR B 98 8.62 -6.09 14.13
CA TYR B 98 8.30 -6.74 12.85
C TYR B 98 9.03 -6.06 11.72
N CYS B 99 8.89 -4.75 11.67
CA CYS B 99 9.49 -3.95 10.59
C CYS B 99 11.00 -4.01 10.63
N LYS B 100 11.61 -3.85 11.81
CA LYS B 100 13.06 -4.07 12.04
C LYS B 100 13.57 -5.32 11.35
N ASN B 101 12.77 -6.39 11.45
CA ASN B 101 13.11 -7.71 10.93
C ASN B 101 12.78 -7.99 9.47
N LYS B 102 11.79 -7.29 8.92
CA LYS B 102 11.32 -7.51 7.54
C LYS B 102 12.43 -7.58 6.46
N PRO B 103 13.44 -6.67 6.48
CA PRO B 103 14.55 -6.78 5.48
C PRO B 103 15.28 -8.14 5.51
N ASP B 104 15.73 -8.51 6.71
CA ASP B 104 16.30 -9.84 6.95
C ASP B 104 15.37 -10.92 6.43
N SER B 105 14.07 -10.78 6.71
CA SER B 105 13.10 -11.76 6.20
C SER B 105 13.12 -11.84 4.71
N ASN B 106 13.18 -10.68 4.08
CA ASN B 106 13.14 -10.64 2.63
C ASN B 106 14.41 -11.22 2.00
N GLN B 107 15.56 -10.81 2.49
CA GLN B 107 16.85 -11.34 1.99
C GLN B 107 16.86 -12.88 2.07
N LEU B 108 16.60 -13.39 3.27
CA LEU B 108 16.51 -14.81 3.49
C LEU B 108 15.72 -15.53 2.40
N ILE B 109 14.56 -14.97 2.05
CA ILE B 109 13.63 -15.64 1.13
C ILE B 109 14.16 -15.65 -0.28
N LEU B 110 14.77 -14.55 -0.68
CA LEU B 110 15.49 -14.51 -1.96
C LEU B 110 16.61 -15.52 -2.02
N GLU B 111 17.58 -15.34 -1.13
CA GLU B 111 18.86 -16.03 -1.20
C GLU B 111 18.83 -17.51 -0.92
N HIS B 112 17.83 -17.99 -0.17
CA HIS B 112 17.85 -19.40 0.28
C HIS B 112 16.56 -20.21 0.13
N ALA B 113 15.50 -19.62 -0.39
CA ALA B 113 14.22 -20.33 -0.33
C ALA B 113 13.80 -20.91 -1.66
N GLY B 114 14.43 -20.48 -2.74
CA GLY B 114 14.12 -20.97 -4.08
C GLY B 114 12.63 -20.90 -4.25
N THR B 115 12.06 -21.89 -4.92
CA THR B 115 10.63 -21.86 -5.18
C THR B 115 9.87 -22.49 -4.05
N PHE B 116 10.42 -22.50 -2.83
CA PHE B 116 9.75 -23.29 -1.82
C PHE B 116 8.34 -22.75 -1.62
N PHE B 117 8.29 -21.44 -1.34
CA PHE B 117 7.01 -20.75 -1.10
C PHE B 117 6.12 -20.58 -2.33
N ASP B 118 6.74 -20.45 -3.48
CA ASP B 118 5.99 -20.46 -4.73
C ASP B 118 5.26 -21.78 -4.93
N GLU B 119 5.97 -22.88 -4.70
CA GLU B 119 5.37 -24.22 -4.74
C GLU B 119 4.15 -24.26 -3.81
N ILE B 120 4.31 -23.81 -2.57
CA ILE B 120 3.19 -23.75 -1.59
C ILE B 120 2.01 -22.87 -2.04
N GLN B 121 2.33 -21.68 -2.53
CA GLN B 121 1.32 -20.82 -3.13
C GLN B 121 0.53 -21.51 -4.24
N GLN B 122 1.25 -22.12 -5.18
CA GLN B 122 0.65 -22.83 -6.32
C GLN B 122 -0.27 -23.90 -5.77
N ARG B 123 0.31 -24.76 -4.93
CA ARG B 123 -0.38 -25.86 -4.26
C ARG B 123 -1.68 -25.39 -3.61
N HIS B 124 -1.61 -24.39 -2.72
CA HIS B 124 -2.81 -23.93 -1.98
C HIS B 124 -3.79 -23.04 -2.79
N GLY B 125 -3.38 -22.54 -3.95
CA GLY B 125 -4.25 -21.72 -4.80
C GLY B 125 -4.38 -20.29 -4.33
N LEU B 126 -3.28 -19.73 -3.82
CA LEU B 126 -3.32 -18.39 -3.25
C LEU B 126 -2.92 -17.31 -4.28
N ALA B 127 -3.82 -16.34 -4.46
CA ALA B 127 -3.48 -15.05 -5.06
C ALA B 127 -2.26 -14.33 -4.43
N ASN B 128 -2.14 -14.38 -3.12
CA ASN B 128 -1.08 -13.63 -2.48
C ASN B 128 0.12 -14.54 -2.26
N SER B 129 1.29 -14.02 -2.59
CA SER B 129 2.51 -14.69 -2.39
C SER B 129 2.85 -14.49 -0.97
N ILE B 130 3.81 -15.27 -0.48
CA ILE B 130 4.28 -15.04 0.85
C ILE B 130 4.79 -13.60 1.04
N SER B 131 5.46 -13.04 0.05
CA SER B 131 5.86 -11.63 0.14
C SER B 131 4.68 -10.64 0.27
N SER B 132 3.59 -10.93 -0.43
CA SER B 132 2.38 -10.11 -0.36
C SER B 132 1.76 -10.20 1.05
N TYR B 133 1.67 -11.40 1.59
CA TYR B 133 1.26 -11.52 2.97
C TYR B 133 2.18 -10.81 3.95
N LEU B 134 3.47 -10.90 3.74
CA LEU B 134 4.41 -10.38 4.74
C LEU B 134 4.62 -8.85 4.75
N ILE B 135 4.24 -8.17 3.68
CA ILE B 135 4.23 -6.70 3.73
C ILE B 135 2.99 -6.17 4.52
N LYS B 136 1.95 -7.00 4.68
CA LYS B 136 0.66 -6.52 5.19
C LYS B 136 0.70 -5.84 6.57
N PRO B 137 1.52 -6.38 7.50
CA PRO B 137 1.65 -5.68 8.77
C PRO B 137 2.19 -4.28 8.70
N VAL B 138 3.07 -4.07 7.75
CA VAL B 138 3.67 -2.77 7.50
C VAL B 138 2.61 -1.85 6.92
N GLN B 139 1.84 -2.37 5.99
CA GLN B 139 0.77 -1.63 5.39
C GLN B 139 -0.26 -1.28 6.47
N ARG B 140 -0.68 -2.30 7.23
CA ARG B 140 -1.77 -2.09 8.17
C ARG B 140 -1.45 -1.03 9.20
N VAL B 141 -0.19 -0.98 9.61
CA VAL B 141 0.20 -0.13 10.71
C VAL B 141 0.35 1.33 10.28
N THR B 142 0.39 1.58 8.98
CA THR B 142 0.41 2.92 8.43
C THR B 142 -0.99 3.35 7.99
N LYS B 143 -1.90 2.41 7.96
CA LYS B 143 -3.22 2.67 7.47
C LYS B 143 -4.11 3.24 8.54
N TYR B 144 -3.93 2.80 9.78
CA TYR B 144 -4.83 3.23 10.85
C TYR B 144 -4.84 4.77 11.01
N GLN B 145 -3.67 5.38 10.87
CA GLN B 145 -3.59 6.83 10.93
C GLN B 145 -4.41 7.51 9.82
N LEU B 146 -4.42 6.94 8.62
CA LEU B 146 -5.29 7.43 7.57
C LEU B 146 -6.77 7.45 7.95
N LEU B 147 -7.23 6.35 8.56
CA LEU B 147 -8.63 6.21 8.94
C LEU B 147 -8.98 7.17 10.06
N LEU B 148 -8.08 7.38 11.00
CA LEU B 148 -8.30 8.34 12.08
C LEU B 148 -8.35 9.80 11.60
N LYS B 149 -7.44 10.15 10.68
CA LYS B 149 -7.52 11.44 10.00
C LYS B 149 -8.84 11.60 9.28
N GLU B 150 -9.26 10.58 8.56
CA GLU B 150 -10.58 10.69 7.95
C GLU B 150 -11.72 10.91 8.95
N LEU B 151 -11.70 10.21 10.08
CA LEU B 151 -12.72 10.45 11.12
C LEU B 151 -12.66 11.89 11.60
N LEU B 152 -11.45 12.41 11.80
CA LEU B 152 -11.27 13.79 12.21
C LEU B 152 -11.87 14.82 11.27
N THR B 153 -11.85 14.56 9.98
CA THR B 153 -12.48 15.53 9.07
C THR B 153 -14.00 15.66 9.25
N CYS B 154 -14.63 14.73 9.97
CA CYS B 154 -16.08 14.68 10.06
C CYS B 154 -16.66 14.35 11.47
N CYS B 155 -15.87 14.56 12.54
CA CYS B 155 -16.35 14.43 13.91
C CYS B 155 -16.10 15.76 14.63
N GLU B 156 -17.13 16.22 15.36
CA GLU B 156 -17.18 17.54 16.02
C GLU B 156 -16.06 17.76 17.05
N GLU B 157 -16.22 18.80 17.89
CA GLU B 157 -15.28 19.05 19.00
C GLU B 157 -15.16 17.88 20.02
N GLY B 158 -16.07 16.90 19.98
CA GLY B 158 -15.81 15.54 20.47
C GLY B 158 -14.83 14.83 19.52
N LYS B 159 -13.58 15.27 19.59
CA LYS B 159 -12.48 14.85 18.71
C LYS B 159 -11.07 14.88 19.36
N GLY B 160 -10.98 14.98 20.69
CA GLY B 160 -9.74 14.68 21.42
C GLY B 160 -9.66 13.20 21.73
N GLU B 161 -10.84 12.55 21.77
CA GLU B 161 -10.98 11.09 21.67
C GLU B 161 -10.65 10.49 20.30
N LEU B 162 -10.09 11.29 19.40
CA LEU B 162 -9.49 10.84 18.16
C LEU B 162 -8.06 11.27 18.12
N LYS B 163 -7.80 12.54 18.45
CA LYS B 163 -6.44 13.13 18.37
C LYS B 163 -5.39 12.36 19.19
N ASP B 164 -5.78 11.85 20.35
CA ASP B 164 -4.86 11.01 21.10
C ASP B 164 -4.68 9.65 20.39
N GLY B 165 -5.76 9.10 19.86
CA GLY B 165 -5.67 7.87 19.08
C GLY B 165 -4.75 8.02 17.89
N LEU B 166 -4.96 9.09 17.16
CA LEU B 166 -4.09 9.43 16.04
C LEU B 166 -2.63 9.64 16.47
N GLU B 167 -2.43 10.39 17.55
CA GLU B 167 -1.09 10.60 18.10
C GLU B 167 -0.33 9.27 18.24
N VAL B 168 -1.01 8.32 18.88
CA VAL B 168 -0.48 6.97 19.08
C VAL B 168 -0.12 6.31 17.74
N MET B 169 -1.07 6.35 16.80
CA MET B 169 -0.91 5.72 15.48
C MET B 169 -0.08 6.49 14.46
N LEU B 170 0.35 7.69 14.84
CA LEU B 170 1.42 8.36 14.11
C LEU B 170 2.70 7.95 14.70
N SER B 171 2.72 7.80 16.02
CA SER B 171 3.97 7.50 16.74
C SER B 171 4.48 6.05 16.60
N VAL B 172 3.61 5.05 16.42
CA VAL B 172 4.05 3.66 16.22
C VAL B 172 4.84 3.49 14.93
N PRO B 173 4.25 3.81 13.76
CA PRO B 173 5.02 3.73 12.51
C PRO B 173 6.29 4.61 12.46
N LYS B 174 6.29 5.78 13.10
CA LYS B 174 7.54 6.56 13.22
C LYS B 174 8.59 5.83 14.01
N LYS B 175 8.17 5.18 15.09
CA LYS B 175 9.11 4.41 15.89
C LYS B 175 9.62 3.23 15.09
N ALA B 176 8.74 2.55 14.37
CA ALA B 176 9.14 1.45 13.49
C ALA B 176 10.09 1.94 12.38
N ASN B 177 9.76 3.09 11.80
CA ASN B 177 10.58 3.72 10.83
C ASN B 177 11.97 3.99 11.38
N ASP B 178 12.04 4.71 12.49
CA ASP B 178 13.32 5.13 13.06
C ASP B 178 14.16 3.98 13.57
N ALA B 179 13.57 2.79 13.74
CA ALA B 179 14.31 1.60 14.15
C ALA B 179 15.05 0.86 13.02
N MET B 180 14.85 1.28 11.76
CA MET B 180 15.40 0.54 10.62
C MET B 180 16.89 0.90 10.46
N HIS B 181 17.70 -0.05 9.98
CA HIS B 181 19.18 0.05 10.05
C HIS B 181 19.73 1.27 9.30
#